data_5U41
#
_entry.id   5U41
#
_cell.length_a   39.449
_cell.length_b   95.124
_cell.length_c   95.795
_cell.angle_alpha   90.00
_cell.angle_beta   96.44
_cell.angle_gamma   90.00
#
_symmetry.space_group_name_H-M   'P 1 21 1'
#
loop_
_entity.id
_entity.type
_entity.pdbx_description
1 polymer 'Peroxisome proliferator-activated receptor delta'
2 non-polymer '6-[2-({benzyl[4-(thiophen-3-yl)benzene-1-carbonyl]amino}methyl)phenoxy]hexanoic acid'
3 non-polymer DI(HYDROXYETHYL)ETHER
4 non-polymer S-1,2-PROPANEDIOL
5 non-polymer 'heptyl beta-D-glucopyranoside'
6 non-polymer 'POTASSIUM ION'
7 water water
#
_entity_poly.entity_id   1
_entity_poly.type   'polypeptide(L)'
_entity_poly.pdbx_seq_one_letter_code
;PQVADLKAFSKHIYNAYLKNFNMTKKKARSILTGKASHTAPFVIHDIETLWQAEKGLVWKQLVNGLPPYKEISVHVFYRC
QCTTVETVRELTEFAKSIPSFSSLFLNDQVTLLKYGVHEAIFAMLASIVNKDGLLVANGSGFVTREFLRSLRKPFSDIIE
PKFEFAVKFNALELDDSDLALFIAAIILCGDRPGLMNVPRVEAIQDTILRALEFHLQANHPDAQYLFPKLLQKMADLRQL
VTEHAQMMQRIKKTETETSLHPLLQEIYKDMY
;
_entity_poly.pdbx_strand_id   A,B
#
# COMPACT_ATOMS: atom_id res chain seq x y z
N ASP A 5 14.12 25.25 -5.39
CA ASP A 5 14.14 23.79 -5.43
C ASP A 5 13.70 23.22 -4.08
N LEU A 6 14.48 23.48 -3.04
CA LEU A 6 14.16 22.98 -1.71
C LEU A 6 13.07 23.80 -1.04
N LYS A 7 13.01 25.10 -1.33
CA LYS A 7 11.94 25.93 -0.77
C LYS A 7 10.57 25.45 -1.22
N ALA A 8 10.48 24.96 -2.46
CA ALA A 8 9.21 24.45 -2.97
C ALA A 8 8.94 23.03 -2.47
N PHE A 9 9.98 22.24 -2.25
CA PHE A 9 9.82 20.94 -1.61
C PHE A 9 9.13 21.10 -0.27
N SER A 10 9.53 22.09 0.51
CA SER A 10 8.98 22.27 1.86
C SER A 10 7.54 22.74 1.81
N LYS A 11 7.24 23.73 0.96
CA LYS A 11 5.88 24.24 0.90
C LYS A 11 4.91 23.21 0.33
N HIS A 12 5.38 22.34 -0.55
CA HIS A 12 4.55 21.22 -0.99
C HIS A 12 4.17 20.34 0.19
N ILE A 13 5.11 20.12 1.10
CA ILE A 13 4.83 19.33 2.29
C ILE A 13 3.91 20.10 3.23
N TYR A 14 4.12 21.41 3.35
CA TYR A 14 3.28 22.21 4.23
C TYR A 14 1.84 22.24 3.75
N ASN A 15 1.63 22.38 2.44
CA ASN A 15 0.27 22.37 1.90
C ASN A 15 -0.39 21.01 2.10
N ALA A 16 0.36 19.93 1.93
CA ALA A 16 -0.18 18.61 2.23
C ALA A 16 -0.61 18.49 3.67
N TYR A 17 0.16 19.10 4.58
CA TYR A 17 -0.19 19.09 6.00
C TYR A 17 -1.50 19.81 6.25
N LEU A 18 -1.65 21.01 5.70
CA LEU A 18 -2.88 21.77 5.90
C LEU A 18 -4.08 21.09 5.24
N LYS A 19 -3.87 20.44 4.09
CA LYS A 19 -4.99 19.88 3.36
C LYS A 19 -5.55 18.63 4.04
N ASN A 20 -4.69 17.80 4.63
CA ASN A 20 -5.10 16.47 5.07
C ASN A 20 -5.37 16.35 6.56
N PHE A 21 -5.06 17.37 7.35
CA PHE A 21 -5.35 17.37 8.78
C PHE A 21 -6.38 18.44 9.07
N ASN A 22 -7.27 18.17 10.02
CA ASN A 22 -8.41 19.05 10.25
C ASN A 22 -8.10 20.13 11.30
N MET A 23 -7.52 19.74 12.44
CA MET A 23 -7.16 20.71 13.46
C MET A 23 -5.67 21.02 13.42
N THR A 24 -5.34 22.30 13.34
CA THR A 24 -3.97 22.77 13.40
C THR A 24 -3.53 22.92 14.84
N LYS A 25 -2.20 23.00 15.03
CA LYS A 25 -1.68 23.28 16.37
C LYS A 25 -2.10 24.66 16.84
N LYS A 26 -2.06 25.65 15.93
CA LYS A 26 -2.51 26.99 16.29
C LYS A 26 -3.91 26.95 16.89
N LYS A 27 -4.83 26.26 16.23
CA LYS A 27 -6.20 26.16 16.75
C LYS A 27 -6.22 25.41 18.08
N ALA A 28 -5.48 24.30 18.17
CA ALA A 28 -5.47 23.53 19.40
C ALA A 28 -5.05 24.39 20.59
N ARG A 29 -3.95 25.14 20.45
CA ARG A 29 -3.46 25.90 21.59
C ARG A 29 -4.41 27.03 21.95
N SER A 30 -5.04 27.66 20.95
CA SER A 30 -6.00 28.72 21.23
C SER A 30 -7.16 28.18 22.05
N ILE A 31 -7.62 26.97 21.72
CA ILE A 31 -8.69 26.35 22.51
C ILE A 31 -8.21 26.05 23.92
N LEU A 32 -7.01 25.47 24.04
CA LEU A 32 -6.47 25.14 25.36
C LEU A 32 -6.24 26.37 26.22
N THR A 33 -6.28 27.56 25.65
CA THR A 33 -6.08 28.78 26.42
C THR A 33 -7.05 29.87 25.98
N ALA A 40 -15.59 27.47 25.86
CA ALA A 40 -14.58 26.55 26.38
C ALA A 40 -15.06 25.11 26.26
N PRO A 41 -14.13 24.16 26.27
CA PRO A 41 -14.51 22.76 26.09
C PRO A 41 -15.10 22.15 27.36
N PHE A 42 -15.99 21.17 27.15
CA PHE A 42 -16.60 20.47 28.27
C PHE A 42 -15.58 19.56 28.93
N VAL A 43 -15.39 19.72 30.23
CA VAL A 43 -14.34 19.00 30.95
C VAL A 43 -14.86 17.64 31.38
N ILE A 44 -14.12 16.59 31.03
CA ILE A 44 -14.39 15.23 31.46
C ILE A 44 -13.39 14.89 32.56
N HIS A 45 -13.86 14.83 33.80
CA HIS A 45 -12.99 14.58 34.94
C HIS A 45 -13.45 13.44 35.83
N ASP A 46 -14.60 12.83 35.55
CA ASP A 46 -15.08 11.70 36.33
C ASP A 46 -16.09 10.93 35.48
N ILE A 47 -16.60 9.83 36.06
CA ILE A 47 -17.53 8.97 35.34
C ILE A 47 -18.77 9.74 34.91
N GLU A 48 -19.26 10.62 35.78
CA GLU A 48 -20.47 11.37 35.46
C GLU A 48 -20.26 12.24 34.22
N THR A 49 -19.18 13.02 34.19
CA THR A 49 -18.95 13.91 33.06
C THR A 49 -18.61 13.13 31.80
N LEU A 50 -18.00 11.95 31.94
CA LEU A 50 -17.77 11.09 30.77
C LEU A 50 -19.10 10.62 30.18
N TRP A 51 -20.05 10.22 31.04
CA TRP A 51 -21.38 9.85 30.56
C TRP A 51 -22.05 11.03 29.87
N GLN A 52 -21.98 12.21 30.48
CA GLN A 52 -22.55 13.40 29.87
C GLN A 52 -21.87 13.74 28.54
N ALA A 53 -20.55 13.60 28.48
CA ALA A 53 -19.85 13.86 27.23
C ALA A 53 -20.32 12.90 26.14
N GLU A 54 -20.47 11.62 26.47
CA GLU A 54 -20.88 10.64 25.48
C GLU A 54 -22.30 10.86 25.02
N LYS A 55 -23.17 11.38 25.90
CA LYS A 55 -24.54 11.68 25.53
C LYS A 55 -24.71 13.10 25.03
N GLY A 56 -23.68 13.95 25.14
CA GLY A 56 -23.82 15.36 24.84
C GLY A 56 -22.96 15.88 23.70
N LEU A 57 -21.70 15.48 23.66
CA LEU A 57 -20.78 15.98 22.64
C LEU A 57 -20.92 15.18 21.34
N VAL A 58 -20.45 15.78 20.26
CA VAL A 58 -20.45 15.16 18.94
C VAL A 58 -19.08 14.56 18.71
N TRP A 59 -19.04 13.24 18.53
CA TRP A 59 -17.80 12.51 18.32
C TRP A 59 -17.71 12.08 16.87
N LYS A 60 -16.48 12.13 16.32
CA LYS A 60 -16.26 11.64 14.97
C LYS A 60 -16.85 10.23 14.79
N GLN A 61 -16.65 9.37 15.78
CA GLN A 61 -17.16 8.01 15.76
C GLN A 61 -18.39 7.94 16.65
N LEU A 62 -19.52 7.51 16.09
CA LEU A 62 -20.75 7.40 16.86
C LEU A 62 -20.62 6.28 17.88
N VAL A 63 -21.02 6.57 19.12
CA VAL A 63 -20.86 5.61 20.21
C VAL A 63 -21.48 4.26 19.84
N ASN A 64 -22.62 4.28 19.13
CA ASN A 64 -23.28 3.04 18.74
C ASN A 64 -22.37 2.16 17.90
N GLY A 65 -21.40 2.74 17.21
CA GLY A 65 -20.48 1.98 16.38
C GLY A 65 -19.37 1.28 17.14
N LEU A 66 -19.14 1.64 18.40
CA LEU A 66 -18.11 0.98 19.19
C LEU A 66 -18.52 -0.44 19.53
N PRO A 67 -17.57 -1.30 19.88
CA PRO A 67 -17.91 -2.67 20.28
C PRO A 67 -18.71 -2.67 21.57
N PRO A 68 -19.34 -3.80 21.91
CA PRO A 68 -20.19 -3.84 23.10
C PRO A 68 -19.48 -3.34 24.35
N TYR A 69 -20.23 -2.63 25.19
CA TYR A 69 -19.69 -2.08 26.43
C TYR A 69 -19.12 -3.19 27.30
N LYS A 70 -18.00 -2.89 27.97
CA LYS A 70 -17.38 -3.84 28.89
C LYS A 70 -17.13 -3.21 30.26
N GLU A 71 -16.51 -2.03 30.27
CA GLU A 71 -16.30 -1.29 31.51
C GLU A 71 -15.75 0.08 31.14
N ILE A 72 -15.68 0.95 32.15
CA ILE A 72 -15.28 2.34 31.92
C ILE A 72 -13.88 2.41 31.33
N SER A 73 -12.93 1.68 31.93
CA SER A 73 -11.55 1.74 31.45
C SER A 73 -11.46 1.29 30.00
N VAL A 74 -12.18 0.22 29.65
CA VAL A 74 -12.17 -0.27 28.27
C VAL A 74 -12.82 0.73 27.33
N HIS A 75 -13.89 1.39 27.78
CA HIS A 75 -14.55 2.36 26.92
C HIS A 75 -13.61 3.49 26.55
N VAL A 76 -12.88 4.03 27.53
CA VAL A 76 -11.87 5.04 27.23
C VAL A 76 -10.85 4.50 26.25
N PHE A 77 -10.46 3.24 26.43
CA PHE A 77 -9.49 2.62 25.53
C PHE A 77 -10.03 2.57 24.11
N TYR A 78 -11.34 2.32 23.94
CA TYR A 78 -11.92 2.34 22.60
C TYR A 78 -11.94 3.74 22.02
N ARG A 79 -12.31 4.76 22.80
CA ARG A 79 -12.20 6.13 22.31
C ARG A 79 -10.76 6.46 21.93
N CYS A 80 -9.79 5.92 22.66
CA CYS A 80 -8.39 6.09 22.28
C CYS A 80 -8.13 5.50 20.90
N GLN A 81 -8.65 4.29 20.64
CA GLN A 81 -8.44 3.67 19.33
C GLN A 81 -9.10 4.47 18.22
N CYS A 82 -10.28 5.04 18.48
CA CYS A 82 -10.95 5.84 17.47
C CYS A 82 -10.06 6.96 16.97
N THR A 83 -9.38 7.64 17.88
CA THR A 83 -8.55 8.78 17.48
C THR A 83 -7.30 8.31 16.76
N THR A 84 -6.67 7.22 17.23
CA THR A 84 -5.45 6.79 16.58
C THR A 84 -5.72 6.25 15.19
N VAL A 85 -6.83 5.52 15.01
CA VAL A 85 -7.17 5.02 13.69
C VAL A 85 -7.54 6.17 12.75
N GLU A 86 -8.32 7.12 13.24
CA GLU A 86 -8.62 8.30 12.44
C GLU A 86 -7.36 9.05 12.06
N THR A 87 -6.39 9.11 12.97
CA THR A 87 -5.15 9.83 12.69
C THR A 87 -4.25 9.05 11.73
N VAL A 88 -4.31 7.72 11.77
CA VAL A 88 -3.62 6.92 10.75
C VAL A 88 -4.17 7.25 9.37
N ARG A 89 -5.49 7.32 9.25
CA ARG A 89 -6.12 7.66 7.98
C ARG A 89 -5.57 8.97 7.43
N GLU A 90 -5.54 10.00 8.28
CA GLU A 90 -5.07 11.31 7.82
C GLU A 90 -3.59 11.29 7.49
N LEU A 91 -2.79 10.56 8.28
CA LEU A 91 -1.36 10.47 8.01
C LEU A 91 -1.10 9.75 6.70
N THR A 92 -1.93 8.76 6.36
CA THR A 92 -1.77 8.06 5.09
C THR A 92 -2.06 8.99 3.91
N GLU A 93 -3.12 9.79 4.00
CA GLU A 93 -3.40 10.74 2.93
C GLU A 93 -2.36 11.86 2.89
N PHE A 94 -1.84 12.26 4.06
CA PHE A 94 -0.79 13.26 4.10
C PHE A 94 0.46 12.75 3.37
N ALA A 95 0.87 11.52 3.66
CA ALA A 95 2.05 10.98 3.01
C ALA A 95 1.82 10.80 1.52
N LYS A 96 0.65 10.29 1.13
CA LYS A 96 0.36 10.10 -0.28
C LYS A 96 0.33 11.41 -1.06
N SER A 97 0.07 12.54 -0.39
CA SER A 97 0.13 13.84 -1.04
C SER A 97 1.57 14.34 -1.18
N ILE A 98 2.56 13.58 -0.73
CA ILE A 98 3.97 13.91 -0.91
C ILE A 98 4.45 13.15 -2.16
N PRO A 99 4.84 13.84 -3.24
CA PRO A 99 5.24 13.10 -4.45
C PRO A 99 6.30 12.03 -4.22
N SER A 100 7.34 12.34 -3.45
CA SER A 100 8.41 11.36 -3.25
C SER A 100 7.91 10.13 -2.50
N PHE A 101 6.96 10.30 -1.58
CA PHE A 101 6.40 9.13 -0.91
C PHE A 101 5.54 8.30 -1.86
N SER A 102 4.76 8.97 -2.72
CA SER A 102 3.86 8.25 -3.62
C SER A 102 4.61 7.54 -4.74
N SER A 103 5.86 7.92 -5.00
CA SER A 103 6.66 7.28 -6.03
C SER A 103 7.29 5.98 -5.56
N LEU A 104 7.28 5.70 -4.26
CA LEU A 104 7.76 4.42 -3.76
C LEU A 104 6.75 3.33 -4.08
N PHE A 105 7.24 2.10 -4.17
CA PHE A 105 6.34 0.97 -4.36
C PHE A 105 5.39 0.85 -3.18
N LEU A 106 4.17 0.42 -3.48
CA LEU A 106 3.10 0.44 -2.48
C LEU A 106 3.48 -0.35 -1.24
N ASN A 107 4.29 -1.40 -1.38
CA ASN A 107 4.66 -2.19 -0.21
C ASN A 107 5.61 -1.41 0.71
N ASP A 108 6.48 -0.57 0.15
CA ASP A 108 7.32 0.28 0.99
C ASP A 108 6.50 1.36 1.68
N GLN A 109 5.49 1.89 0.99
CA GLN A 109 4.60 2.85 1.62
C GLN A 109 3.98 2.27 2.89
N VAL A 110 3.51 1.02 2.80
CA VAL A 110 2.87 0.37 3.94
C VAL A 110 3.89 0.14 5.06
N THR A 111 5.09 -0.33 4.71
CA THR A 111 6.13 -0.52 5.72
C THR A 111 6.40 0.76 6.48
N LEU A 112 6.52 1.89 5.77
CA LEU A 112 6.83 3.15 6.43
C LEU A 112 5.69 3.60 7.33
N LEU A 113 4.45 3.44 6.86
CA LEU A 113 3.31 3.79 7.70
C LEU A 113 3.19 2.85 8.90
N LYS A 114 3.36 1.55 8.68
CA LYS A 114 3.24 0.59 9.77
C LYS A 114 4.15 0.95 10.94
N TYR A 115 5.41 1.25 10.64
CA TYR A 115 6.39 1.51 11.69
C TYR A 115 6.54 2.99 12.01
N GLY A 116 5.79 3.86 11.34
CA GLY A 116 5.97 5.29 11.50
C GLY A 116 4.80 6.04 12.11
N VAL A 117 3.57 5.54 11.92
CA VAL A 117 2.40 6.37 12.23
C VAL A 117 2.30 6.65 13.72
N HIS A 118 2.70 5.70 14.57
CA HIS A 118 2.56 5.93 16.01
C HIS A 118 3.56 6.96 16.51
N GLU A 119 4.80 6.91 16.02
CA GLU A 119 5.72 8.00 16.28
C GLU A 119 5.12 9.32 15.82
N ALA A 120 4.55 9.34 14.62
CA ALA A 120 3.93 10.55 14.09
C ALA A 120 2.77 10.98 14.97
N ILE A 121 1.95 10.03 15.42
CA ILE A 121 0.77 10.37 16.22
C ILE A 121 1.20 11.02 17.53
N PHE A 122 2.11 10.37 18.26
CA PHE A 122 2.52 10.88 19.56
C PHE A 122 3.19 12.24 19.45
N ALA A 123 3.75 12.57 18.29
CA ALA A 123 4.34 13.88 18.09
C ALA A 123 3.29 14.91 17.72
N MET A 124 2.52 14.64 16.65
CA MET A 124 1.61 15.65 16.12
CA MET A 124 1.62 15.65 16.12
C MET A 124 0.49 15.95 17.10
N LEU A 125 0.01 14.95 17.81
CA LEU A 125 -1.07 15.18 18.77
C LEU A 125 -0.56 15.71 20.10
N ALA A 126 0.75 15.89 20.27
CA ALA A 126 1.22 16.64 21.42
C ALA A 126 0.61 18.02 21.46
N SER A 127 0.18 18.54 20.30
CA SER A 127 -0.36 19.89 20.21
C SER A 127 -1.66 20.03 21.02
N ILE A 128 -2.43 18.96 21.16
CA ILE A 128 -3.71 19.02 21.85
C ILE A 128 -3.58 18.67 23.33
N VAL A 129 -2.36 18.62 23.86
CA VAL A 129 -2.09 18.18 25.23
C VAL A 129 -1.47 19.33 26.00
N ASN A 130 -1.79 19.42 27.28
CA ASN A 130 -1.02 20.23 28.22
C ASN A 130 -0.84 19.42 29.50
N LYS A 131 -0.31 20.07 30.54
CA LYS A 131 -0.07 19.37 31.79
C LYS A 131 -1.36 18.87 32.43
N ASP A 132 -2.50 19.49 32.13
CA ASP A 132 -3.75 19.20 32.82
C ASP A 132 -4.58 18.12 32.14
N GLY A 133 -4.33 17.82 30.87
CA GLY A 133 -5.15 16.88 30.12
C GLY A 133 -5.00 17.15 28.63
N LEU A 134 -5.98 16.66 27.87
CA LEU A 134 -5.93 16.85 26.42
C LEU A 134 -7.33 17.02 25.86
N LEU A 135 -7.39 17.63 24.68
CA LEU A 135 -8.65 17.83 23.97
C LEU A 135 -9.16 16.52 23.39
N VAL A 136 -10.49 16.41 23.33
CA VAL A 136 -11.16 15.27 22.71
C VAL A 136 -12.37 15.80 21.94
N ALA A 137 -12.99 14.90 21.18
CA ALA A 137 -14.23 15.21 20.47
C ALA A 137 -14.07 16.48 19.63
N ASN A 138 -13.00 16.52 18.84
CA ASN A 138 -12.77 17.59 17.88
C ASN A 138 -12.59 18.95 18.58
N GLY A 139 -12.03 18.93 19.78
CA GLY A 139 -11.86 20.15 20.55
C GLY A 139 -13.05 20.56 21.38
N SER A 140 -14.12 19.76 21.39
CA SER A 140 -15.31 20.08 22.18
C SER A 140 -15.19 19.63 23.63
N GLY A 141 -14.30 18.68 23.93
CA GLY A 141 -14.09 18.23 25.28
C GLY A 141 -12.62 18.32 25.67
N PHE A 142 -12.39 18.13 26.96
CA PHE A 142 -11.05 18.16 27.53
C PHE A 142 -11.00 17.13 28.64
N VAL A 143 -10.34 16.01 28.39
CA VAL A 143 -10.20 14.98 29.41
C VAL A 143 -9.02 15.33 30.30
N THR A 144 -9.20 15.19 31.61
CA THR A 144 -8.14 15.56 32.54
C THR A 144 -7.15 14.41 32.70
N ARG A 145 -5.88 14.78 32.87
CA ARG A 145 -4.84 13.81 33.14
C ARG A 145 -5.14 13.03 34.42
N GLU A 146 -5.69 13.70 35.42
CA GLU A 146 -6.04 13.05 36.68
C GLU A 146 -7.03 11.92 36.46
N PHE A 147 -8.07 12.17 35.66
CA PHE A 147 -9.04 11.13 35.35
C PHE A 147 -8.37 9.93 34.67
N LEU A 148 -7.57 10.20 33.63
CA LEU A 148 -6.90 9.12 32.91
C LEU A 148 -5.98 8.33 33.84
N ARG A 149 -5.34 9.01 34.80
CA ARG A 149 -4.52 8.31 35.77
C ARG A 149 -5.34 7.42 36.69
N SER A 150 -6.62 7.71 36.87
CA SER A 150 -7.48 6.95 37.76
C SER A 150 -8.04 5.69 37.13
N LEU A 151 -7.78 5.45 35.85
CA LEU A 151 -8.19 4.19 35.25
C LEU A 151 -7.34 3.06 35.82
N ARG A 152 -7.87 1.84 35.71
CA ARG A 152 -7.16 0.69 36.28
C ARG A 152 -6.02 0.27 35.37
N LYS A 153 -4.98 -0.28 35.98
CA LYS A 153 -3.90 -0.90 35.24
C LYS A 153 -4.54 -1.94 34.32
N PRO A 154 -4.02 -2.10 33.10
CA PRO A 154 -2.88 -1.48 32.43
C PRO A 154 -3.21 -0.21 31.64
N PHE A 155 -4.47 0.24 31.70
CA PHE A 155 -4.88 1.33 30.83
C PHE A 155 -4.31 2.67 31.28
N SER A 156 -4.17 2.87 32.59
CA SER A 156 -3.50 4.07 33.07
C SER A 156 -2.02 4.07 32.73
N ASP A 157 -1.42 2.89 32.59
CA ASP A 157 0.01 2.79 32.35
C ASP A 157 0.36 3.21 30.92
N ILE A 158 -0.50 2.88 29.95
CA ILE A 158 -0.22 3.24 28.56
C ILE A 158 -0.39 4.72 28.29
N ILE A 159 -1.14 5.44 29.14
CA ILE A 159 -1.48 6.82 28.84
C ILE A 159 -0.45 7.80 29.38
N GLU A 160 0.06 7.56 30.59
CA GLU A 160 0.90 8.57 31.23
C GLU A 160 2.17 8.88 30.45
N PRO A 161 2.92 7.91 29.92
CA PRO A 161 4.16 8.26 29.22
C PRO A 161 3.96 9.27 28.10
N LYS A 162 2.78 9.30 27.48
CA LYS A 162 2.55 10.22 26.38
C LYS A 162 2.39 11.65 26.86
N PHE A 163 1.91 11.85 28.09
CA PHE A 163 1.83 13.19 28.66
C PHE A 163 3.22 13.74 28.92
N GLU A 164 4.11 12.91 29.47
CA GLU A 164 5.46 13.36 29.76
C GLU A 164 6.17 13.81 28.50
N PHE A 165 6.00 13.06 27.41
CA PHE A 165 6.62 13.46 26.15
C PHE A 165 6.01 14.75 25.61
N ALA A 166 4.68 14.83 25.61
CA ALA A 166 4.00 15.93 24.93
C ALA A 166 4.33 17.28 25.56
N VAL A 167 4.45 17.33 26.89
CA VAL A 167 4.69 18.62 27.54
C VAL A 167 6.14 19.05 27.31
N LYS A 168 7.07 18.11 27.31
CA LYS A 168 8.45 18.42 26.96
C LYS A 168 8.58 18.77 25.48
N PHE A 169 7.80 18.12 24.63
CA PHE A 169 7.82 18.42 23.21
C PHE A 169 7.23 19.81 22.93
N ASN A 170 6.13 20.14 23.58
CA ASN A 170 5.51 21.44 23.39
C ASN A 170 6.40 22.58 23.85
N ALA A 171 7.35 22.31 24.75
CA ALA A 171 8.25 23.36 25.22
C ALA A 171 9.18 23.85 24.12
N LEU A 172 9.31 23.10 23.02
CA LEU A 172 10.10 23.53 21.88
C LEU A 172 9.38 24.57 21.04
N GLU A 173 8.07 24.72 21.23
CA GLU A 173 7.28 25.77 20.58
C GLU A 173 7.38 25.70 19.05
N LEU A 174 7.17 24.50 18.52
CA LEU A 174 7.09 24.33 17.08
C LEU A 174 5.76 24.86 16.57
N ASP A 175 5.78 25.46 15.38
CA ASP A 175 4.55 25.86 14.71
C ASP A 175 4.19 24.83 13.65
N ASP A 176 3.02 25.01 13.05
CA ASP A 176 2.52 24.01 12.11
C ASP A 176 3.50 23.80 10.95
N SER A 177 4.19 24.85 10.52
CA SER A 177 5.13 24.69 9.41
C SER A 177 6.31 23.84 9.83
N ASP A 178 6.78 23.97 11.07
CA ASP A 178 7.83 23.09 11.56
C ASP A 178 7.32 21.65 11.67
N LEU A 179 6.12 21.48 12.22
CA LEU A 179 5.57 20.14 12.41
C LEU A 179 5.43 19.40 11.09
N ALA A 180 4.99 20.09 10.04
CA ALA A 180 4.76 19.42 8.76
C ALA A 180 6.03 18.71 8.29
N LEU A 181 7.16 19.41 8.30
CA LEU A 181 8.42 18.78 7.94
C LEU A 181 8.81 17.70 8.93
N PHE A 182 8.62 17.96 10.23
CA PHE A 182 9.01 16.99 11.24
C PHE A 182 8.25 15.68 11.06
N ILE A 183 6.96 15.75 10.76
CA ILE A 183 6.18 14.54 10.54
C ILE A 183 6.65 13.83 9.29
N ALA A 184 6.81 14.56 8.19
CA ALA A 184 7.33 13.96 6.97
C ALA A 184 8.63 13.21 7.25
N ALA A 185 9.48 13.76 8.10
CA ALA A 185 10.76 13.12 8.39
C ALA A 185 10.58 11.83 9.18
N ILE A 186 9.61 11.80 10.10
CA ILE A 186 9.35 10.59 10.88
C ILE A 186 8.91 9.46 9.95
N ILE A 187 7.97 9.74 9.05
CA ILE A 187 7.43 8.69 8.19
C ILE A 187 8.49 8.19 7.21
N LEU A 188 9.16 9.11 6.53
CA LEU A 188 10.20 8.74 5.56
C LEU A 188 11.49 8.44 6.32
N CYS A 189 11.51 7.27 6.95
CA CYS A 189 12.63 6.85 7.79
C CYS A 189 13.23 5.57 7.21
N GLY A 190 14.53 5.62 6.92
CA GLY A 190 15.20 4.51 6.25
C GLY A 190 15.52 3.31 7.11
N ASP A 191 15.27 3.36 8.41
CA ASP A 191 15.62 2.27 9.32
C ASP A 191 14.49 1.28 9.54
N ARG A 192 13.34 1.45 8.89
CA ARG A 192 12.19 0.61 9.22
C ARG A 192 12.45 -0.83 8.77
N PRO A 193 12.08 -1.83 9.57
CA PRO A 193 12.35 -3.22 9.18
C PRO A 193 11.61 -3.61 7.93
N GLY A 194 12.27 -4.41 7.10
CA GLY A 194 11.63 -4.96 5.92
C GLY A 194 11.48 -4.00 4.77
N LEU A 195 12.10 -2.82 4.82
CA LEU A 195 12.03 -1.90 3.70
C LEU A 195 12.71 -2.49 2.48
N MET A 196 12.14 -2.22 1.31
CA MET A 196 12.66 -2.77 0.07
C MET A 196 13.76 -1.88 -0.50
N ASN A 197 13.46 -0.61 -0.75
CA ASN A 197 14.40 0.31 -1.39
C ASN A 197 14.95 1.27 -0.34
N VAL A 198 15.90 0.77 0.46
CA VAL A 198 16.45 1.57 1.55
C VAL A 198 17.19 2.80 1.04
N PRO A 199 18.09 2.69 0.05
CA PRO A 199 18.82 3.89 -0.38
C PRO A 199 17.91 5.02 -0.84
N ARG A 200 16.77 4.69 -1.45
CA ARG A 200 15.84 5.73 -1.89
C ARG A 200 15.16 6.40 -0.71
N VAL A 201 14.67 5.62 0.25
CA VAL A 201 14.03 6.21 1.42
C VAL A 201 15.04 7.04 2.19
N GLU A 202 16.25 6.51 2.38
CA GLU A 202 17.30 7.27 3.05
C GLU A 202 17.54 8.60 2.34
N ALA A 203 17.57 8.60 1.01
CA ALA A 203 17.80 9.83 0.27
C ALA A 203 16.65 10.82 0.47
N ILE A 204 15.43 10.32 0.58
CA ILE A 204 14.29 11.21 0.81
C ILE A 204 14.35 11.79 2.21
N GLN A 205 14.62 10.95 3.20
CA GLN A 205 14.70 11.43 4.58
C GLN A 205 15.77 12.51 4.70
N ASP A 206 16.91 12.31 4.05
CA ASP A 206 17.97 13.31 4.13
C ASP A 206 17.51 14.65 3.58
N THR A 207 16.76 14.62 2.46
CA THR A 207 16.28 15.88 1.88
C THR A 207 15.26 16.55 2.79
N ILE A 208 14.42 15.77 3.46
CA ILE A 208 13.46 16.35 4.38
C ILE A 208 14.19 16.98 5.56
N LEU A 209 15.19 16.28 6.10
CA LEU A 209 15.95 16.84 7.21
C LEU A 209 16.66 18.11 6.80
N ARG A 210 17.22 18.14 5.59
CA ARG A 210 17.84 19.36 5.09
C ARG A 210 16.82 20.48 4.98
N ALA A 211 15.63 20.17 4.47
CA ALA A 211 14.55 21.14 4.44
C ALA A 211 14.18 21.61 5.84
N LEU A 212 14.10 20.68 6.79
CA LEU A 212 13.76 21.05 8.15
C LEU A 212 14.75 22.07 8.70
N GLU A 213 16.05 21.79 8.58
CA GLU A 213 17.04 22.71 9.14
C GLU A 213 16.95 24.08 8.49
N PHE A 214 16.86 24.12 7.16
CA PHE A 214 16.75 25.40 6.46
C PHE A 214 15.51 26.16 6.92
N HIS A 215 14.40 25.44 7.12
CA HIS A 215 13.17 26.08 7.57
C HIS A 215 13.31 26.61 8.99
N LEU A 216 13.91 25.83 9.89
CA LEU A 216 14.04 26.24 11.28
C LEU A 216 14.89 27.50 11.40
N GLN A 217 16.09 27.51 10.81
CA GLN A 217 16.98 28.65 10.97
C GLN A 217 16.37 29.92 10.43
N ALA A 218 15.36 29.82 9.58
CA ALA A 218 14.63 30.99 9.09
C ALA A 218 13.43 31.30 9.98
N ASN A 219 12.62 30.29 10.30
CA ASN A 219 11.42 30.50 11.10
C ASN A 219 11.73 30.66 12.59
N HIS A 220 12.92 30.26 13.04
CA HIS A 220 13.32 30.39 14.44
C HIS A 220 14.76 30.88 14.50
N PRO A 221 15.03 32.09 14.02
CA PRO A 221 16.42 32.54 13.90
C PRO A 221 17.16 32.63 15.23
N ASP A 222 16.44 32.89 16.33
CA ASP A 222 17.08 33.02 17.64
C ASP A 222 17.02 31.75 18.47
N ALA A 223 16.52 30.65 17.91
CA ALA A 223 16.44 29.40 18.65
C ALA A 223 17.82 28.76 18.73
N GLN A 224 18.17 28.29 19.93
CA GLN A 224 19.45 27.65 20.17
C GLN A 224 19.30 26.13 20.09
N TYR A 225 20.11 25.50 19.24
CA TYR A 225 20.24 24.05 19.19
C TYR A 225 18.91 23.37 18.84
N LEU A 226 18.04 24.06 18.11
CA LEU A 226 16.68 23.54 17.92
C LEU A 226 16.67 22.30 17.04
N PHE A 227 17.42 22.32 15.93
CA PHE A 227 17.43 21.18 15.02
C PHE A 227 17.99 19.93 15.68
N PRO A 228 19.16 19.95 16.32
CA PRO A 228 19.59 18.76 17.07
C PRO A 228 18.63 18.36 18.18
N LYS A 229 17.97 19.34 18.82
CA LYS A 229 16.96 19.00 19.82
C LYS A 229 15.85 18.17 19.22
N LEU A 230 15.45 18.47 17.98
CA LEU A 230 14.40 17.71 17.32
C LEU A 230 14.86 16.33 16.91
N LEU A 231 16.12 16.18 16.49
CA LEU A 231 16.63 14.86 16.15
C LEU A 231 16.62 13.96 17.39
N GLN A 232 16.91 14.53 18.55
CA GLN A 232 16.82 13.76 19.80
C GLN A 232 15.37 13.40 20.11
N LYS A 233 14.41 14.23 19.73
CA LYS A 233 13.01 13.88 19.94
C LYS A 233 12.59 12.75 19.02
N MET A 234 13.18 12.65 17.83
CA MET A 234 12.90 11.50 16.97
C MET A 234 13.38 10.22 17.62
N ALA A 235 14.53 10.27 18.29
CA ALA A 235 15.01 9.11 19.05
C ALA A 235 14.10 8.82 20.23
N ASP A 236 13.72 9.86 20.99
CA ASP A 236 12.76 9.68 22.08
C ASP A 236 11.51 8.98 21.59
N LEU A 237 10.95 9.44 20.47
CA LEU A 237 9.71 8.87 19.96
C LEU A 237 9.86 7.38 19.69
N ARG A 238 11.02 6.94 19.21
CA ARG A 238 11.19 5.52 18.96
C ARG A 238 11.10 4.73 20.26
N GLN A 239 11.71 5.24 21.33
CA GLN A 239 11.62 4.57 22.62
C GLN A 239 10.20 4.62 23.17
N LEU A 240 9.53 5.77 23.02
CA LEU A 240 8.14 5.87 23.46
C LEU A 240 7.28 4.81 22.77
N VAL A 241 7.44 4.67 21.45
CA VAL A 241 6.63 3.70 20.71
C VAL A 241 7.00 2.28 21.09
N THR A 242 8.29 2.02 21.33
CA THR A 242 8.69 0.68 21.76
C THR A 242 8.00 0.31 23.07
N GLU A 243 8.01 1.22 24.04
CA GLU A 243 7.30 0.96 25.29
C GLU A 243 5.81 0.80 25.05
N HIS A 244 5.25 1.61 24.16
CA HIS A 244 3.82 1.52 23.88
C HIS A 244 3.47 0.17 23.28
N ALA A 245 4.27 -0.31 22.33
CA ALA A 245 3.97 -1.58 21.67
C ALA A 245 4.10 -2.74 22.65
N GLN A 246 5.07 -2.67 23.56
CA GLN A 246 5.16 -3.69 24.60
C GLN A 246 3.90 -3.71 25.46
N MET A 247 3.42 -2.53 25.85
CA MET A 247 2.22 -2.49 26.69
C MET A 247 1.00 -2.97 25.91
N MET A 248 0.92 -2.68 24.62
CA MET A 248 -0.20 -3.16 23.81
C MET A 248 -0.20 -4.69 23.73
N GLN A 249 0.99 -5.29 23.65
CA GLN A 249 1.06 -6.74 23.61
CA GLN A 249 1.06 -6.75 23.60
C GLN A 249 0.60 -7.36 24.92
N ARG A 250 0.76 -6.64 26.03
CA ARG A 250 0.31 -7.15 27.33
C ARG A 250 -1.22 -7.08 27.43
N ILE A 251 -1.82 -6.04 26.85
CA ILE A 251 -3.28 -5.96 26.82
C ILE A 251 -3.85 -7.07 25.95
N LYS A 252 -3.26 -7.28 24.77
CA LYS A 252 -3.68 -8.39 23.92
C LYS A 252 -3.62 -9.71 24.67
N LYS A 253 -2.64 -9.86 25.57
CA LYS A 253 -2.41 -11.14 26.23
C LYS A 253 -3.37 -11.37 27.38
N THR A 254 -3.64 -10.34 28.19
CA THR A 254 -4.35 -10.51 29.44
C THR A 254 -5.69 -9.79 29.50
N GLU A 255 -6.00 -8.90 28.56
CA GLU A 255 -7.31 -8.29 28.48
C GLU A 255 -8.07 -8.87 27.30
N THR A 256 -8.24 -10.19 27.28
CA THR A 256 -8.86 -10.85 26.13
C THR A 256 -10.27 -10.32 25.86
N GLU A 257 -10.92 -9.73 26.86
CA GLU A 257 -12.24 -9.15 26.66
C GLU A 257 -12.18 -7.84 25.88
N THR A 258 -11.01 -7.22 25.78
CA THR A 258 -10.84 -5.94 25.13
C THR A 258 -10.58 -6.16 23.63
N SER A 259 -11.41 -5.53 22.79
CA SER A 259 -11.23 -5.63 21.34
C SER A 259 -10.18 -4.63 20.86
N LEU A 260 -9.51 -5.01 19.77
CA LEU A 260 -8.52 -4.16 19.13
C LEU A 260 -8.92 -3.95 17.67
N HIS A 261 -8.91 -2.70 17.22
CA HIS A 261 -9.33 -2.40 15.87
C HIS A 261 -8.48 -3.19 14.87
N PRO A 262 -9.08 -3.76 13.82
CA PRO A 262 -8.30 -4.64 12.92
C PRO A 262 -7.05 -4.00 12.35
N LEU A 263 -7.09 -2.72 12.00
CA LEU A 263 -5.90 -2.07 11.48
C LEU A 263 -4.77 -2.07 12.51
N LEU A 264 -5.10 -1.81 13.77
CA LEU A 264 -4.07 -1.84 14.82
C LEU A 264 -3.58 -3.25 15.07
N GLN A 265 -4.46 -4.25 14.94
CA GLN A 265 -4.01 -5.63 15.01
C GLN A 265 -2.94 -5.89 13.96
N GLU A 266 -3.14 -5.39 12.74
CA GLU A 266 -2.15 -5.56 11.69
C GLU A 266 -0.86 -4.80 12.01
N ILE A 267 -0.98 -3.64 12.66
CA ILE A 267 0.21 -2.87 13.02
C ILE A 267 1.01 -3.59 14.09
N TYR A 268 0.33 -4.18 15.07
CA TYR A 268 0.97 -4.87 16.18
C TYR A 268 1.05 -6.38 15.95
N LYS A 269 0.91 -6.84 14.71
CA LYS A 269 0.83 -8.28 14.45
C LYS A 269 2.11 -9.00 14.90
N ASP A 270 3.24 -8.31 14.92
CA ASP A 270 4.49 -8.92 15.34
C ASP A 270 4.55 -9.04 16.87
N ALA B 4 -26.89 -0.39 -15.97
CA ALA B 4 -27.04 1.03 -15.68
C ALA B 4 -26.03 1.48 -14.65
N ASP B 5 -26.24 1.09 -13.39
CA ASP B 5 -25.23 1.31 -12.36
C ASP B 5 -23.96 0.54 -12.69
N LEU B 6 -24.11 -0.63 -13.31
CA LEU B 6 -22.95 -1.42 -13.74
C LEU B 6 -22.34 -0.86 -15.02
N LYS B 7 -23.16 -0.37 -15.95
CA LYS B 7 -22.62 0.27 -17.15
C LYS B 7 -21.61 1.34 -16.78
N ALA B 8 -21.99 2.23 -15.85
CA ALA B 8 -21.06 3.25 -15.38
C ALA B 8 -19.88 2.62 -14.66
N PHE B 9 -20.15 1.66 -13.79
CA PHE B 9 -19.07 0.93 -13.12
C PHE B 9 -18.14 0.29 -14.14
N SER B 10 -18.71 -0.35 -15.16
CA SER B 10 -17.91 -0.98 -16.20
C SER B 10 -17.09 0.05 -16.95
N LYS B 11 -17.73 1.12 -17.41
CA LYS B 11 -17.02 2.15 -18.15
C LYS B 11 -15.87 2.71 -17.34
N HIS B 12 -16.08 2.94 -16.04
CA HIS B 12 -15.01 3.39 -15.16
C HIS B 12 -13.84 2.41 -15.18
N ILE B 13 -14.14 1.11 -15.09
CA ILE B 13 -13.10 0.09 -15.12
C ILE B 13 -12.37 0.12 -16.45
N TYR B 14 -13.12 0.21 -17.55
CA TYR B 14 -12.50 0.20 -18.87
C TYR B 14 -11.57 1.40 -19.05
N ASN B 15 -12.03 2.59 -18.64
CA ASN B 15 -11.19 3.78 -18.79
C ASN B 15 -9.90 3.66 -18.00
N ALA B 16 -9.97 3.09 -16.79
CA ALA B 16 -8.76 2.85 -16.02
C ALA B 16 -7.84 1.88 -16.74
N TYR B 17 -8.41 0.91 -17.45
CA TYR B 17 -7.63 -0.03 -18.24
C TYR B 17 -6.93 0.68 -19.39
N LEU B 18 -7.68 1.48 -20.16
CA LEU B 18 -7.11 2.19 -21.30
C LEU B 18 -6.08 3.24 -20.86
N LYS B 19 -6.22 3.77 -19.65
CA LYS B 19 -5.35 4.82 -19.16
C LYS B 19 -4.00 4.30 -18.67
N ASN B 20 -3.91 3.03 -18.25
CA ASN B 20 -2.76 2.58 -17.48
C ASN B 20 -1.92 1.49 -18.13
N PHE B 21 -2.43 0.75 -19.11
CA PHE B 21 -1.69 -0.37 -19.66
C PHE B 21 -0.98 0.02 -20.95
N ASN B 22 0.20 -0.58 -21.15
CA ASN B 22 1.08 -0.16 -22.24
C ASN B 22 0.54 -0.60 -23.59
N MET B 23 -0.09 -1.77 -23.65
CA MET B 23 -0.58 -2.29 -24.92
C MET B 23 -1.97 -2.91 -24.73
N THR B 24 -2.88 -2.56 -25.63
CA THR B 24 -4.19 -3.18 -25.67
C THR B 24 -4.10 -4.52 -26.39
N LYS B 25 -5.08 -5.39 -26.13
CA LYS B 25 -5.16 -6.63 -26.88
C LYS B 25 -5.43 -6.36 -28.36
N LYS B 26 -6.26 -5.36 -28.65
CA LYS B 26 -6.46 -4.92 -30.02
C LYS B 26 -5.13 -4.65 -30.71
N LYS B 27 -4.29 -3.83 -30.08
CA LYS B 27 -2.98 -3.53 -30.64
C LYS B 27 -2.15 -4.80 -30.80
N ALA B 28 -2.15 -5.64 -29.76
CA ALA B 28 -1.32 -6.84 -29.77
C ALA B 28 -1.70 -7.77 -30.91
N ARG B 29 -3.00 -8.04 -31.09
CA ARG B 29 -3.40 -9.01 -32.11
C ARG B 29 -3.24 -8.44 -33.52
N SER B 30 -3.33 -7.11 -33.68
CA SER B 30 -3.07 -6.53 -34.98
C SER B 30 -1.62 -6.71 -35.39
N ILE B 31 -0.70 -6.57 -34.43
CA ILE B 31 0.72 -6.84 -34.69
C ILE B 31 0.91 -8.30 -35.05
N LEU B 32 0.41 -9.20 -34.19
CA LEU B 32 0.62 -10.63 -34.42
C LEU B 32 0.10 -11.05 -35.80
N THR B 33 -0.97 -10.43 -36.28
CA THR B 33 -1.46 -10.70 -37.62
C THR B 33 -0.88 -9.69 -38.60
N ALA B 40 6.90 -4.73 -38.95
CA ALA B 40 6.97 -6.18 -38.80
C ALA B 40 7.92 -6.53 -37.65
N PRO B 41 7.48 -7.37 -36.70
CA PRO B 41 8.32 -7.63 -35.53
C PRO B 41 9.54 -8.49 -35.88
N PHE B 42 10.67 -8.14 -35.28
CA PHE B 42 11.90 -8.90 -35.50
C PHE B 42 11.82 -10.23 -34.76
N VAL B 43 12.01 -11.32 -35.48
CA VAL B 43 11.84 -12.64 -34.90
C VAL B 43 13.10 -13.04 -34.15
N ILE B 44 12.94 -13.42 -32.90
CA ILE B 44 14.03 -13.94 -32.07
C ILE B 44 13.82 -15.45 -31.97
N HIS B 45 14.73 -16.23 -32.57
CA HIS B 45 14.62 -17.67 -32.56
C HIS B 45 15.92 -18.41 -32.22
N ASP B 46 16.99 -17.69 -31.90
CA ASP B 46 18.24 -18.33 -31.49
C ASP B 46 19.14 -17.25 -30.88
N ILE B 47 20.35 -17.67 -30.47
CA ILE B 47 21.27 -16.76 -29.79
C ILE B 47 21.61 -15.58 -30.70
N GLU B 48 21.93 -15.87 -31.97
CA GLU B 48 22.30 -14.81 -32.90
C GLU B 48 21.23 -13.72 -32.95
N THR B 49 19.98 -14.13 -33.19
CA THR B 49 18.92 -13.13 -33.29
C THR B 49 18.60 -12.50 -31.94
N LEU B 50 18.77 -13.24 -30.84
CA LEU B 50 18.64 -12.63 -29.52
C LEU B 50 19.66 -11.51 -29.35
N TRP B 51 20.89 -11.72 -29.79
CA TRP B 51 21.92 -10.69 -29.72
C TRP B 51 21.57 -9.50 -30.60
N GLN B 52 21.17 -9.76 -31.85
CA GLN B 52 20.82 -8.68 -32.75
C GLN B 52 19.63 -7.88 -32.22
N ALA B 53 18.75 -8.53 -31.45
CA ALA B 53 17.60 -7.82 -30.90
C ALA B 53 17.99 -6.90 -29.75
N GLU B 54 18.95 -7.33 -28.92
CA GLU B 54 19.41 -6.48 -27.82
C GLU B 54 20.16 -5.27 -28.34
N LYS B 55 20.94 -5.42 -29.41
CA LYS B 55 21.60 -4.28 -30.02
C LYS B 55 20.67 -3.50 -30.93
N GLY B 56 19.61 -4.13 -31.45
CA GLY B 56 18.79 -3.53 -32.47
C GLY B 56 17.51 -2.89 -31.98
N LEU B 57 16.78 -3.57 -31.10
CA LEU B 57 15.45 -3.13 -30.72
C LEU B 57 15.50 -2.23 -29.49
N VAL B 58 14.45 -1.41 -29.35
CA VAL B 58 14.27 -0.55 -28.19
C VAL B 58 13.55 -1.35 -27.12
N TRP B 59 14.19 -1.52 -25.97
CA TRP B 59 13.61 -2.20 -24.83
C TRP B 59 13.24 -1.17 -23.77
N LYS B 60 12.11 -1.40 -23.09
CA LYS B 60 11.72 -0.50 -22.01
C LYS B 60 12.83 -0.37 -20.98
N GLN B 61 13.54 -1.46 -20.70
CA GLN B 61 14.63 -1.48 -19.73
C GLN B 61 15.94 -1.63 -20.49
N LEU B 62 16.77 -0.59 -20.46
CA LEU B 62 18.07 -0.64 -21.13
C LEU B 62 18.90 -1.80 -20.60
N VAL B 63 19.49 -2.56 -21.53
CA VAL B 63 20.24 -3.76 -21.16
C VAL B 63 21.34 -3.43 -20.15
N ASN B 64 21.89 -2.21 -20.21
CA ASN B 64 22.99 -1.86 -19.33
C ASN B 64 22.60 -1.96 -17.85
N GLY B 65 21.30 -1.83 -17.56
CA GLY B 65 20.81 -1.86 -16.20
C GLY B 65 20.54 -3.24 -15.63
N LEU B 66 20.52 -4.26 -16.48
CA LEU B 66 20.32 -5.61 -16.02
C LEU B 66 21.48 -6.05 -15.13
N PRO B 67 21.28 -7.03 -14.26
CA PRO B 67 22.38 -7.54 -13.46
C PRO B 67 23.49 -8.08 -14.35
N PRO B 68 24.70 -8.24 -13.82
CA PRO B 68 25.80 -8.74 -14.64
C PRO B 68 25.42 -9.99 -15.42
N TYR B 69 25.79 -10.00 -16.70
CA TYR B 69 25.46 -11.12 -17.58
C TYR B 69 25.94 -12.43 -16.99
N LYS B 70 25.11 -13.46 -17.12
CA LYS B 70 25.42 -14.81 -16.64
C LYS B 70 25.38 -15.85 -17.74
N GLU B 71 24.28 -15.95 -18.48
CA GLU B 71 24.14 -16.92 -19.55
C GLU B 71 22.83 -16.62 -20.28
N ILE B 72 22.61 -17.34 -21.39
CA ILE B 72 21.44 -17.09 -22.23
C ILE B 72 20.17 -17.29 -21.44
N SER B 73 20.02 -18.45 -20.82
CA SER B 73 18.78 -18.75 -20.10
C SER B 73 18.53 -17.73 -19.00
N VAL B 74 19.58 -17.32 -18.30
CA VAL B 74 19.42 -16.36 -17.21
C VAL B 74 19.07 -14.98 -17.75
N HIS B 75 19.72 -14.58 -18.86
CA HIS B 75 19.40 -13.30 -19.47
C HIS B 75 17.93 -13.25 -19.90
N VAL B 76 17.47 -14.30 -20.59
CA VAL B 76 16.04 -14.36 -20.92
C VAL B 76 15.21 -14.26 -19.65
N PHE B 77 15.65 -14.92 -18.57
CA PHE B 77 14.93 -14.85 -17.30
C PHE B 77 14.89 -13.42 -16.79
N TYR B 78 15.98 -12.67 -16.94
CA TYR B 78 15.98 -11.27 -16.52
C TYR B 78 15.02 -10.45 -17.36
N ARG B 79 14.98 -10.70 -18.67
CA ARG B 79 14.03 -9.99 -19.51
C ARG B 79 12.59 -10.33 -19.11
N CYS B 80 12.34 -11.58 -18.73
CA CYS B 80 11.02 -11.95 -18.21
C CYS B 80 10.67 -11.11 -16.99
N GLN B 81 11.62 -10.97 -16.06
CA GLN B 81 11.37 -10.18 -14.86
C GLN B 81 11.09 -8.72 -15.19
N CYS B 82 11.80 -8.17 -16.18
CA CYS B 82 11.55 -6.81 -16.62
C CYS B 82 10.08 -6.62 -16.96
N THR B 83 9.51 -7.56 -17.71
CA THR B 83 8.13 -7.42 -18.13
C THR B 83 7.18 -7.63 -16.96
N THR B 84 7.46 -8.61 -16.10
CA THR B 84 6.53 -8.86 -14.98
C THR B 84 6.54 -7.70 -14.00
N VAL B 85 7.72 -7.14 -13.70
CA VAL B 85 7.77 -5.99 -12.79
C VAL B 85 7.08 -4.79 -13.43
N GLU B 86 7.39 -4.51 -14.69
CA GLU B 86 6.75 -3.41 -15.38
C GLU B 86 5.23 -3.56 -15.35
N THR B 87 4.74 -4.78 -15.56
CA THR B 87 3.31 -5.01 -15.58
C THR B 87 2.70 -4.92 -14.19
N VAL B 88 3.47 -5.27 -13.14
CA VAL B 88 2.99 -5.05 -11.78
C VAL B 88 2.74 -3.57 -11.55
N ARG B 89 3.62 -2.72 -12.07
CA ARG B 89 3.45 -1.28 -11.91
C ARG B 89 2.19 -0.79 -12.62
N GLU B 90 1.93 -1.30 -13.82
CA GLU B 90 0.71 -0.93 -14.53
C GLU B 90 -0.53 -1.45 -13.82
N LEU B 91 -0.44 -2.65 -13.23
CA LEU B 91 -1.60 -3.21 -12.54
C LEU B 91 -1.89 -2.44 -11.25
N THR B 92 -0.85 -1.92 -10.60
CA THR B 92 -1.04 -1.12 -9.40
C THR B 92 -1.76 0.18 -9.72
N GLU B 93 -1.31 0.88 -10.76
CA GLU B 93 -2.00 2.12 -11.14
C GLU B 93 -3.41 1.84 -11.64
N PHE B 94 -3.60 0.71 -12.33
CA PHE B 94 -4.94 0.34 -12.79
C PHE B 94 -5.88 0.14 -11.60
N ALA B 95 -5.46 -0.65 -10.61
CA ALA B 95 -6.29 -0.85 -9.43
C ALA B 95 -6.52 0.45 -8.68
N LYS B 96 -5.47 1.27 -8.55
CA LYS B 96 -5.62 2.55 -7.86
C LYS B 96 -6.55 3.50 -8.62
N SER B 97 -6.75 3.28 -9.92
CA SER B 97 -7.72 4.08 -10.67
C SER B 97 -9.14 3.57 -10.51
N ILE B 98 -9.35 2.52 -9.71
CA ILE B 98 -10.68 2.02 -9.39
C ILE B 98 -11.06 2.58 -8.02
N PRO B 99 -12.11 3.41 -7.92
CA PRO B 99 -12.38 4.05 -6.61
C PRO B 99 -12.59 3.06 -5.47
N SER B 100 -13.32 1.98 -5.71
CA SER B 100 -13.56 1.01 -4.65
C SER B 100 -12.26 0.41 -4.13
N PHE B 101 -11.30 0.17 -5.04
CA PHE B 101 -10.00 -0.33 -4.61
C PHE B 101 -9.24 0.73 -3.81
N SER B 102 -9.25 1.98 -4.29
CA SER B 102 -8.53 3.04 -3.60
C SER B 102 -9.11 3.34 -2.22
N SER B 103 -10.37 2.93 -1.97
CA SER B 103 -11.00 3.16 -0.68
C SER B 103 -10.55 2.16 0.38
N LEU B 104 -9.99 1.02 -0.03
CA LEU B 104 -9.48 0.05 0.93
C LEU B 104 -8.25 0.60 1.63
N PHE B 105 -8.02 0.15 2.86
CA PHE B 105 -6.79 0.50 3.55
C PHE B 105 -5.59 0.02 2.74
N LEU B 106 -4.52 0.80 2.79
CA LEU B 106 -3.37 0.55 1.93
C LEU B 106 -2.80 -0.85 2.12
N ASN B 107 -2.85 -1.37 3.35
CA ASN B 107 -2.31 -2.71 3.58
C ASN B 107 -3.15 -3.77 2.87
N ASP B 108 -4.47 -3.57 2.77
CA ASP B 108 -5.29 -4.51 1.99
C ASP B 108 -5.03 -4.35 0.50
N GLN B 109 -4.81 -3.11 0.05
CA GLN B 109 -4.42 -2.90 -1.34
C GLN B 109 -3.18 -3.71 -1.67
N VAL B 110 -2.16 -3.66 -0.80
CA VAL B 110 -0.94 -4.41 -1.04
C VAL B 110 -1.21 -5.91 -1.01
N THR B 111 -2.02 -6.37 -0.04
CA THR B 111 -2.34 -7.79 0.04
C THR B 111 -3.00 -8.28 -1.23
N LEU B 112 -3.94 -7.50 -1.78
CA LEU B 112 -4.63 -7.91 -3.00
C LEU B 112 -3.69 -7.95 -4.19
N LEU B 113 -2.83 -6.93 -4.31
CA LEU B 113 -1.87 -6.94 -5.42
C LEU B 113 -0.84 -8.06 -5.24
N LYS B 114 -0.38 -8.28 -4.02
CA LYS B 114 0.62 -9.33 -3.78
C LYS B 114 0.16 -10.66 -4.34
N TYR B 115 -1.05 -11.09 -3.97
CA TYR B 115 -1.55 -12.41 -4.32
C TYR B 115 -2.34 -12.41 -5.62
N GLY B 116 -2.47 -11.27 -6.28
CA GLY B 116 -3.28 -11.18 -7.47
C GLY B 116 -2.54 -10.86 -8.75
N VAL B 117 -1.44 -10.08 -8.68
CA VAL B 117 -0.86 -9.54 -9.89
C VAL B 117 -0.43 -10.64 -10.86
N HIS B 118 0.03 -11.78 -10.34
CA HIS B 118 0.52 -12.83 -11.23
C HIS B 118 -0.63 -13.52 -11.95
N GLU B 119 -1.75 -13.76 -11.26
CA GLU B 119 -2.92 -14.24 -11.97
C GLU B 119 -3.32 -13.26 -13.06
N ALA B 120 -3.24 -11.96 -12.76
CA ALA B 120 -3.63 -10.95 -13.73
C ALA B 120 -2.64 -10.89 -14.89
N ILE B 121 -1.36 -11.00 -14.59
CA ILE B 121 -0.35 -10.97 -15.66
C ILE B 121 -0.60 -12.12 -16.64
N PHE B 122 -0.75 -13.34 -16.12
CA PHE B 122 -0.87 -14.49 -17.01
C PHE B 122 -2.13 -14.43 -17.85
N ALA B 123 -3.19 -13.82 -17.32
CA ALA B 123 -4.39 -13.63 -18.12
C ALA B 123 -4.22 -12.46 -19.09
N MET B 124 -3.73 -11.33 -18.60
CA MET B 124 -3.70 -10.13 -19.43
C MET B 124 -2.72 -10.28 -20.57
N LEU B 125 -1.54 -10.82 -20.30
CA LEU B 125 -0.53 -10.94 -21.34
C LEU B 125 -0.74 -12.17 -22.22
N ALA B 126 -1.76 -12.99 -21.95
CA ALA B 126 -2.12 -14.01 -22.91
C ALA B 126 -2.38 -13.41 -24.29
N SER B 127 -2.75 -12.12 -24.33
CA SER B 127 -3.08 -11.46 -25.59
C SER B 127 -1.87 -11.33 -26.52
N ILE B 128 -0.66 -11.29 -25.97
CA ILE B 128 0.53 -11.06 -26.79
C ILE B 128 1.14 -12.40 -27.19
N VAL B 129 0.40 -13.48 -27.00
CA VAL B 129 0.89 -14.83 -27.21
C VAL B 129 0.08 -15.49 -28.30
N ASN B 130 0.75 -16.33 -29.09
CA ASN B 130 0.06 -17.31 -29.94
C ASN B 130 0.84 -18.61 -29.83
N LYS B 131 0.40 -19.62 -30.58
CA LYS B 131 1.01 -20.94 -30.43
C LYS B 131 2.46 -20.98 -30.89
N ASP B 132 2.96 -19.93 -31.56
CA ASP B 132 4.31 -19.93 -32.12
C ASP B 132 5.30 -19.09 -31.31
N GLY B 133 4.84 -18.23 -30.41
CA GLY B 133 5.73 -17.37 -29.65
C GLY B 133 4.95 -16.22 -29.04
N LEU B 134 5.68 -15.19 -28.60
CA LEU B 134 5.01 -14.03 -28.04
C LEU B 134 5.78 -12.76 -28.37
N LEU B 135 5.08 -11.64 -28.27
CA LEU B 135 5.65 -10.33 -28.57
C LEU B 135 6.55 -9.88 -27.43
N VAL B 136 7.65 -9.22 -27.79
CA VAL B 136 8.54 -8.60 -26.82
C VAL B 136 8.89 -7.19 -27.31
N ALA B 137 9.55 -6.44 -26.43
CA ALA B 137 10.07 -5.13 -26.77
C ALA B 137 8.97 -4.24 -27.35
N ASN B 138 7.83 -4.21 -26.66
CA ASN B 138 6.72 -3.32 -27.01
C ASN B 138 6.15 -3.63 -28.39
N GLY B 139 6.19 -4.90 -28.80
CA GLY B 139 5.68 -5.31 -30.09
C GLY B 139 6.69 -5.23 -31.22
N SER B 140 7.92 -4.79 -30.94
CA SER B 140 8.94 -4.71 -31.98
C SER B 140 9.64 -6.04 -32.23
N GLY B 141 9.49 -7.00 -31.32
CA GLY B 141 10.10 -8.31 -31.49
C GLY B 141 9.12 -9.40 -31.14
N PHE B 142 9.46 -10.61 -31.60
CA PHE B 142 8.63 -11.79 -31.39
C PHE B 142 9.56 -12.96 -31.10
N VAL B 143 9.50 -13.49 -29.89
N VAL B 143 9.54 -13.48 -29.88
CA VAL B 143 10.32 -14.62 -29.48
CA VAL B 143 10.37 -14.61 -29.52
C VAL B 143 9.53 -15.90 -29.72
C VAL B 143 9.55 -15.88 -29.72
N THR B 144 10.13 -16.86 -30.41
CA THR B 144 9.42 -18.08 -30.76
C THR B 144 9.35 -19.01 -29.56
N ARG B 145 8.22 -19.72 -29.47
CA ARG B 145 8.03 -20.73 -28.44
C ARG B 145 9.11 -21.80 -28.52
N GLU B 146 9.57 -22.14 -29.72
CA GLU B 146 10.60 -23.17 -29.86
C GLU B 146 11.91 -22.72 -29.24
N PHE B 147 12.27 -21.46 -29.43
CA PHE B 147 13.48 -20.93 -28.79
C PHE B 147 13.37 -20.99 -27.28
N LEU B 148 12.23 -20.57 -26.73
CA LEU B 148 12.05 -20.61 -25.28
C LEU B 148 12.08 -22.04 -24.77
N ARG B 149 11.57 -22.99 -25.54
CA ARG B 149 11.63 -24.40 -25.15
C ARG B 149 13.07 -24.91 -25.11
N SER B 150 13.96 -24.33 -25.91
CA SER B 150 15.34 -24.78 -25.97
C SER B 150 16.20 -24.25 -24.84
N LEU B 151 15.70 -23.31 -24.04
CA LEU B 151 16.42 -22.91 -22.85
C LEU B 151 16.52 -24.09 -21.89
N ARG B 152 17.52 -24.06 -21.02
CA ARG B 152 17.74 -25.18 -20.15
C ARG B 152 16.77 -25.14 -18.96
N LYS B 153 16.53 -26.31 -18.39
CA LYS B 153 15.76 -26.40 -17.16
C LYS B 153 16.54 -25.66 -16.07
N PRO B 154 15.83 -25.01 -15.14
CA PRO B 154 14.37 -24.94 -14.94
C PRO B 154 13.66 -23.84 -15.73
N PHE B 155 14.36 -23.18 -16.65
CA PHE B 155 13.79 -21.99 -17.27
C PHE B 155 12.79 -22.34 -18.36
N SER B 156 13.06 -23.36 -19.16
CA SER B 156 12.06 -23.80 -20.13
C SER B 156 10.82 -24.34 -19.44
N ASP B 157 10.98 -24.94 -18.24
CA ASP B 157 9.85 -25.51 -17.54
C ASP B 157 8.89 -24.45 -17.04
N ILE B 158 9.41 -23.30 -16.61
CA ILE B 158 8.54 -22.26 -16.07
C ILE B 158 7.81 -21.50 -17.16
N ILE B 159 8.24 -21.62 -18.42
CA ILE B 159 7.66 -20.85 -19.52
C ILE B 159 6.53 -21.60 -20.20
N GLU B 160 6.72 -22.89 -20.49
CA GLU B 160 5.78 -23.60 -21.36
C GLU B 160 4.36 -23.62 -20.82
N PRO B 161 4.11 -23.83 -19.52
CA PRO B 161 2.70 -23.87 -19.06
C PRO B 161 1.93 -22.60 -19.38
N LYS B 162 2.61 -21.47 -19.53
CA LYS B 162 1.92 -20.20 -19.81
C LYS B 162 1.43 -20.16 -21.25
N PHE B 163 2.15 -20.79 -22.18
CA PHE B 163 1.66 -20.92 -23.55
C PHE B 163 0.42 -21.78 -23.60
N GLU B 164 0.43 -22.90 -22.88
CA GLU B 164 -0.74 -23.79 -22.86
C GLU B 164 -1.97 -23.03 -22.38
N PHE B 165 -1.84 -22.25 -21.31
CA PHE B 165 -2.96 -21.46 -20.83
C PHE B 165 -3.36 -20.41 -21.86
N ALA B 166 -2.39 -19.65 -22.36
CA ALA B 166 -2.71 -18.48 -23.18
C ALA B 166 -3.50 -18.86 -24.43
N VAL B 167 -3.14 -19.98 -25.07
CA VAL B 167 -3.80 -20.33 -26.32
C VAL B 167 -5.24 -20.80 -26.06
N LYS B 168 -5.46 -21.49 -24.95
CA LYS B 168 -6.83 -21.86 -24.59
C LYS B 168 -7.62 -20.64 -24.13
N PHE B 169 -6.95 -19.67 -23.51
CA PHE B 169 -7.64 -18.46 -23.07
C PHE B 169 -7.96 -17.55 -24.24
N ASN B 170 -7.03 -17.41 -25.19
CA ASN B 170 -7.28 -16.57 -26.35
C ASN B 170 -8.41 -17.10 -27.22
N ALA B 171 -8.72 -18.40 -27.14
CA ALA B 171 -9.81 -18.97 -27.91
C ALA B 171 -11.16 -18.42 -27.49
N LEU B 172 -11.29 -17.93 -26.25
CA LEU B 172 -12.54 -17.31 -25.83
C LEU B 172 -12.79 -15.99 -26.55
N GLU B 173 -11.75 -15.37 -27.09
CA GLU B 173 -11.90 -14.15 -27.90
C GLU B 173 -12.52 -13.01 -27.09
N LEU B 174 -11.98 -12.77 -25.91
CA LEU B 174 -12.32 -11.57 -25.16
C LEU B 174 -11.71 -10.35 -25.83
N ASP B 175 -12.37 -9.21 -25.67
CA ASP B 175 -11.80 -7.93 -26.09
C ASP B 175 -11.37 -7.15 -24.84
N ASP B 176 -10.76 -5.99 -25.08
CA ASP B 176 -10.17 -5.21 -23.99
C ASP B 176 -11.23 -4.86 -22.94
N SER B 177 -12.45 -4.57 -23.38
CA SER B 177 -13.50 -4.22 -22.42
C SER B 177 -13.85 -5.40 -21.54
N ASP B 178 -13.86 -6.62 -22.10
CA ASP B 178 -14.06 -7.80 -21.27
C ASP B 178 -12.88 -8.03 -20.34
N LEU B 179 -11.66 -7.85 -20.85
CA LEU B 179 -10.47 -8.08 -20.03
C LEU B 179 -10.41 -7.13 -18.85
N ALA B 180 -10.78 -5.86 -19.07
CA ALA B 180 -10.71 -4.88 -18.00
C ALA B 180 -11.48 -5.35 -16.78
N LEU B 181 -12.69 -5.89 -16.99
CA LEU B 181 -13.49 -6.40 -15.89
C LEU B 181 -12.91 -7.70 -15.33
N PHE B 182 -12.45 -8.58 -16.22
CA PHE B 182 -11.90 -9.85 -15.77
C PHE B 182 -10.70 -9.64 -14.87
N ILE B 183 -9.78 -8.75 -15.28
CA ILE B 183 -8.60 -8.45 -14.47
C ILE B 183 -9.01 -7.82 -13.15
N ALA B 184 -9.94 -6.86 -13.20
CA ALA B 184 -10.41 -6.23 -11.96
C ALA B 184 -10.97 -7.28 -11.00
N ALA B 185 -11.70 -8.26 -11.53
CA ALA B 185 -12.26 -9.30 -10.68
C ALA B 185 -11.18 -10.18 -10.08
N ILE B 186 -10.03 -10.30 -10.75
CA ILE B 186 -8.93 -11.10 -10.22
C ILE B 186 -8.27 -10.37 -9.05
N ILE B 187 -8.04 -9.07 -9.18
N ILE B 187 -8.07 -9.07 -9.17
CA ILE B 187 -7.40 -8.30 -8.11
CA ILE B 187 -7.40 -8.30 -8.11
C ILE B 187 -8.31 -8.28 -6.88
C ILE B 187 -8.28 -8.22 -6.88
N LEU B 188 -9.57 -7.91 -7.07
CA LEU B 188 -10.51 -7.79 -5.95
C LEU B 188 -11.08 -9.17 -5.63
N CYS B 189 -10.27 -9.97 -4.94
CA CYS B 189 -10.65 -11.33 -4.55
C CYS B 189 -10.55 -11.47 -3.04
N GLY B 190 -11.63 -11.91 -2.42
CA GLY B 190 -11.71 -11.99 -0.97
C GLY B 190 -11.00 -13.16 -0.34
N ASP B 191 -10.45 -14.08 -1.13
CA ASP B 191 -9.82 -15.26 -0.59
C ASP B 191 -8.35 -15.05 -0.24
N ARG B 192 -7.77 -13.92 -0.61
CA ARG B 192 -6.35 -13.72 -0.42
C ARG B 192 -6.03 -13.74 1.08
N PRO B 193 -4.98 -14.45 1.50
CA PRO B 193 -4.73 -14.58 2.94
C PRO B 193 -4.19 -13.30 3.54
N GLY B 194 -4.49 -13.11 4.82
CA GLY B 194 -4.10 -11.91 5.52
C GLY B 194 -4.99 -10.72 5.30
N LEU B 195 -6.03 -10.84 4.48
N LEU B 195 -6.04 -10.85 4.49
CA LEU B 195 -6.91 -9.71 4.23
CA LEU B 195 -6.93 -9.73 4.21
C LEU B 195 -7.58 -9.25 5.51
C LEU B 195 -7.63 -9.26 5.49
N MET B 196 -7.70 -7.93 5.66
CA MET B 196 -8.26 -7.33 6.85
C MET B 196 -9.78 -7.20 6.75
N ASN B 197 -10.27 -6.53 5.71
CA ASN B 197 -11.71 -6.29 5.56
C ASN B 197 -12.28 -7.22 4.50
N VAL B 198 -12.40 -8.49 4.87
CA VAL B 198 -12.89 -9.50 3.93
C VAL B 198 -14.29 -9.16 3.40
N PRO B 199 -15.27 -8.81 4.22
CA PRO B 199 -16.59 -8.50 3.68
C PRO B 199 -16.57 -7.41 2.62
N ARG B 200 -15.80 -6.34 2.83
CA ARG B 200 -15.78 -5.24 1.85
C ARG B 200 -15.22 -5.72 0.52
N VAL B 201 -14.16 -6.52 0.53
CA VAL B 201 -13.55 -6.96 -0.71
C VAL B 201 -14.48 -7.92 -1.45
N GLU B 202 -15.08 -8.87 -0.71
CA GLU B 202 -16.04 -9.78 -1.33
C GLU B 202 -17.18 -9.02 -1.98
N ALA B 203 -17.67 -7.97 -1.32
CA ALA B 203 -18.77 -7.19 -1.87
C ALA B 203 -18.37 -6.51 -3.18
N ILE B 204 -17.15 -5.98 -3.25
CA ILE B 204 -16.68 -5.35 -4.48
C ILE B 204 -16.52 -6.39 -5.58
N GLN B 205 -15.95 -7.55 -5.24
CA GLN B 205 -15.79 -8.60 -6.24
C GLN B 205 -17.14 -9.01 -6.81
N ASP B 206 -18.15 -9.15 -5.96
CA ASP B 206 -19.47 -9.54 -6.43
C ASP B 206 -20.01 -8.52 -7.43
N THR B 207 -19.81 -7.23 -7.15
CA THR B 207 -20.26 -6.20 -8.07
C THR B 207 -19.52 -6.31 -9.40
N ILE B 208 -18.21 -6.57 -9.36
CA ILE B 208 -17.44 -6.70 -10.59
C ILE B 208 -17.95 -7.89 -11.39
N LEU B 209 -18.16 -9.03 -10.72
CA LEU B 209 -18.65 -10.21 -11.41
C LEU B 209 -20.03 -9.98 -12.01
N ARG B 210 -20.90 -9.25 -11.30
CA ARG B 210 -22.20 -8.93 -11.87
C ARG B 210 -22.04 -8.04 -13.09
N ALA B 211 -21.12 -7.07 -13.02
CA ALA B 211 -20.86 -6.21 -14.16
C ALA B 211 -20.26 -7.00 -15.32
N LEU B 212 -19.39 -7.96 -15.02
CA LEU B 212 -18.83 -8.80 -16.07
C LEU B 212 -19.93 -9.59 -16.79
N GLU B 213 -20.80 -10.25 -16.04
CA GLU B 213 -21.86 -11.03 -16.67
C GLU B 213 -22.74 -10.13 -17.54
N PHE B 214 -23.22 -9.02 -16.97
CA PHE B 214 -23.99 -8.07 -17.76
C PHE B 214 -23.23 -7.65 -19.00
N HIS B 215 -21.94 -7.32 -18.84
CA HIS B 215 -21.17 -6.85 -19.98
C HIS B 215 -21.05 -7.92 -21.06
N LEU B 216 -20.79 -9.18 -20.65
CA LEU B 216 -20.65 -10.26 -21.63
C LEU B 216 -21.94 -10.45 -22.43
N GLN B 217 -23.09 -10.45 -21.76
CA GLN B 217 -24.35 -10.65 -22.47
C GLN B 217 -24.51 -9.63 -23.59
N ALA B 218 -24.08 -8.39 -23.34
CA ALA B 218 -24.25 -7.34 -24.34
C ALA B 218 -23.14 -7.41 -25.39
N ASN B 219 -21.90 -7.67 -24.96
CA ASN B 219 -20.77 -7.65 -25.88
C ASN B 219 -20.61 -8.95 -26.66
N HIS B 220 -21.00 -10.09 -26.07
CA HIS B 220 -20.91 -11.39 -26.71
C HIS B 220 -22.27 -12.08 -26.63
N PRO B 221 -23.25 -11.59 -27.40
CA PRO B 221 -24.64 -12.05 -27.22
C PRO B 221 -24.86 -13.52 -27.56
N ASP B 222 -24.00 -14.13 -28.36
CA ASP B 222 -24.17 -15.52 -28.77
C ASP B 222 -23.24 -16.48 -28.03
N ALA B 223 -22.42 -15.99 -27.11
CA ALA B 223 -21.53 -16.83 -26.32
C ALA B 223 -22.16 -17.02 -24.94
N GLN B 224 -23.14 -17.93 -24.89
CA GLN B 224 -23.96 -18.07 -23.68
C GLN B 224 -23.15 -18.60 -22.51
N TYR B 225 -22.25 -19.54 -22.76
CA TYR B 225 -21.47 -20.15 -21.68
C TYR B 225 -20.26 -19.34 -21.28
N LEU B 226 -20.09 -18.12 -21.83
CA LEU B 226 -18.83 -17.41 -21.67
C LEU B 226 -18.54 -17.06 -20.21
N PHE B 227 -19.57 -16.76 -19.41
CA PHE B 227 -19.32 -16.33 -18.04
C PHE B 227 -18.85 -17.48 -17.16
N PRO B 228 -19.55 -18.61 -17.10
CA PRO B 228 -19.01 -19.73 -16.32
C PRO B 228 -17.66 -20.22 -16.81
N LYS B 229 -17.39 -20.13 -18.11
CA LYS B 229 -16.06 -20.47 -18.60
C LYS B 229 -15.01 -19.56 -17.98
N LEU B 230 -15.30 -18.26 -17.89
CA LEU B 230 -14.33 -17.33 -17.33
C LEU B 230 -14.14 -17.56 -15.83
N LEU B 231 -15.18 -18.01 -15.13
CA LEU B 231 -15.01 -18.37 -13.73
C LEU B 231 -14.09 -19.57 -13.59
N GLN B 232 -14.23 -20.55 -14.48
CA GLN B 232 -13.30 -21.68 -14.48
C GLN B 232 -11.88 -21.20 -14.75
N LYS B 233 -11.71 -20.25 -15.66
CA LYS B 233 -10.37 -19.75 -15.96
C LYS B 233 -9.75 -19.05 -14.77
N MET B 234 -10.57 -18.42 -13.93
CA MET B 234 -10.05 -17.86 -12.68
C MET B 234 -9.50 -18.95 -11.78
N ALA B 235 -10.18 -20.10 -11.74
CA ALA B 235 -9.68 -21.24 -10.97
C ALA B 235 -8.41 -21.79 -11.59
N ASP B 236 -8.37 -21.92 -12.92
CA ASP B 236 -7.16 -22.38 -13.59
C ASP B 236 -5.98 -21.47 -13.24
N LEU B 237 -6.20 -20.16 -13.28
CA LEU B 237 -5.13 -19.21 -12.99
C LEU B 237 -4.57 -19.40 -11.59
N ARG B 238 -5.42 -19.73 -10.63
CA ARG B 238 -4.94 -19.99 -9.29
C ARG B 238 -3.97 -21.15 -9.28
N GLN B 239 -4.33 -22.24 -9.97
CA GLN B 239 -3.44 -23.40 -10.04
CA GLN B 239 -3.44 -23.40 -10.05
C GLN B 239 -2.21 -23.09 -10.88
N LEU B 240 -2.38 -22.31 -11.95
CA LEU B 240 -1.23 -21.92 -12.77
C LEU B 240 -0.23 -21.12 -11.94
N VAL B 241 -0.72 -20.22 -11.10
CA VAL B 241 0.17 -19.39 -10.28
C VAL B 241 0.78 -20.23 -9.16
N THR B 242 0.02 -21.17 -8.60
CA THR B 242 0.57 -22.06 -7.59
C THR B 242 1.76 -22.83 -8.13
N GLU B 243 1.61 -23.41 -9.32
CA GLU B 243 2.72 -24.13 -9.95
C GLU B 243 3.86 -23.18 -10.28
N HIS B 244 3.55 -21.95 -10.69
CA HIS B 244 4.60 -20.99 -10.99
C HIS B 244 5.41 -20.66 -9.75
N ALA B 245 4.73 -20.43 -8.62
CA ALA B 245 5.43 -20.14 -7.37
C ALA B 245 6.30 -21.32 -6.95
N GLN B 246 5.81 -22.55 -7.14
CA GLN B 246 6.60 -23.73 -6.81
C GLN B 246 7.87 -23.78 -7.64
N MET B 247 7.77 -23.46 -8.93
CA MET B 247 8.94 -23.47 -9.79
C MET B 247 9.89 -22.32 -9.44
N MET B 248 9.34 -21.16 -9.06
CA MET B 248 10.21 -20.06 -8.62
C MET B 248 10.96 -20.44 -7.35
N GLN B 249 10.34 -21.23 -6.48
CA GLN B 249 11.04 -21.67 -5.28
C GLN B 249 12.21 -22.59 -5.63
N ARG B 250 12.06 -23.40 -6.68
CA ARG B 250 13.14 -24.28 -7.11
C ARG B 250 14.27 -23.50 -7.78
N ILE B 251 13.94 -22.43 -8.50
CA ILE B 251 14.97 -21.58 -9.07
C ILE B 251 15.77 -20.91 -7.96
N LYS B 252 15.08 -20.34 -6.97
CA LYS B 252 15.77 -19.76 -5.83
C LYS B 252 16.68 -20.79 -5.17
N LYS B 253 16.22 -22.05 -5.09
CA LYS B 253 16.98 -23.06 -4.37
C LYS B 253 18.18 -23.56 -5.17
N THR B 254 18.01 -23.73 -6.49
CA THR B 254 19.02 -24.39 -7.31
C THR B 254 19.80 -23.46 -8.23
N GLU B 255 19.30 -22.26 -8.49
CA GLU B 255 19.98 -21.29 -9.35
C GLU B 255 20.51 -20.15 -8.49
N THR B 256 21.57 -20.44 -7.74
CA THR B 256 22.06 -19.51 -6.73
C THR B 256 22.56 -18.22 -7.36
N GLU B 257 23.16 -18.29 -8.55
CA GLU B 257 23.72 -17.11 -9.19
C GLU B 257 22.69 -16.26 -9.92
N THR B 258 21.44 -16.71 -9.98
CA THR B 258 20.39 -15.97 -10.69
C THR B 258 19.77 -14.95 -9.74
N SER B 259 19.77 -13.68 -10.16
CA SER B 259 19.22 -12.61 -9.34
C SER B 259 17.71 -12.51 -9.50
N LEU B 260 17.06 -11.98 -8.47
CA LEU B 260 15.62 -11.79 -8.47
C LEU B 260 15.31 -10.37 -8.05
N HIS B 261 14.47 -9.70 -8.82
CA HIS B 261 14.16 -8.29 -8.56
C HIS B 261 13.58 -8.14 -7.14
N PRO B 262 13.94 -7.08 -6.42
CA PRO B 262 13.49 -6.98 -5.02
C PRO B 262 11.97 -7.05 -4.86
N LEU B 263 11.22 -6.48 -5.79
CA LEU B 263 9.76 -6.51 -5.68
C LEU B 263 9.22 -7.94 -5.78
N LEU B 264 9.80 -8.76 -6.67
CA LEU B 264 9.40 -10.15 -6.76
C LEU B 264 9.83 -10.93 -5.52
N GLN B 265 10.98 -10.58 -4.94
CA GLN B 265 11.36 -11.19 -3.65
C GLN B 265 10.28 -10.96 -2.61
N GLU B 266 9.76 -9.74 -2.53
CA GLU B 266 8.68 -9.44 -1.58
C GLU B 266 7.42 -10.24 -1.93
N ILE B 267 7.15 -10.42 -3.22
CA ILE B 267 5.96 -11.16 -3.62
C ILE B 267 6.09 -12.63 -3.24
N TYR B 268 7.26 -13.21 -3.49
CA TYR B 268 7.51 -14.62 -3.18
C TYR B 268 8.14 -14.81 -1.80
N LYS B 269 8.08 -13.80 -0.93
CA LYS B 269 8.81 -13.87 0.33
C LYS B 269 8.42 -15.10 1.14
N ASP B 270 7.13 -15.43 1.19
CA ASP B 270 6.66 -16.57 1.98
C ASP B 270 6.92 -17.88 1.26
#